data_6YA8
#
_entry.id   6YA8
#
_cell.length_a   61.150
_cell.length_b   61.150
_cell.length_c   235.440
_cell.angle_alpha   90.000
_cell.angle_beta   90.000
_cell.angle_gamma   90.000
#
_symmetry.space_group_name_H-M   'P 41 21 2'
#
loop_
_entity.id
_entity.type
_entity.pdbx_description
1 polymer 'Cell division cycle 7-related protein kinase,Cell division cycle 7-related protein kinase,Cell division cycle 7-related protein kinase'
2 polymer 'Protein DBF4 homolog A'
3 non-polymer "ADENOSINE-5'-DIPHOSPHATE"
4 non-polymer 'MAGNESIUM ION'
5 non-polymer 'BERYLLIUM TRIFLUORIDE ION'
6 non-polymer 'ZINC ION'
7 water water
#
loop_
_entity_poly.entity_id
_entity_poly.type
_entity_poly.pdbx_seq_one_letter_code
_entity_poly.pdbx_strand_id
1 'polypeptide(L)'
;MLAGVKKDIEKLYEAVPQLSNVFKIEDKIGEGTFSSVYLATAQLQVGPEEKIALKHLIPTSHPIRIAAELQCLTVAGGQD
NVMGVKYCFRKNDHVVIAMPYLEHESFLDILNSLSFQEVREYMLNLFKALKRIHQFGIVHRDVKPSNFLYNRRLKKYALV
DFGLAQGTHDTKIELLKFVQSEAQQERCSQNKPASLTCDCYATDKVCSICLSRRQQVAPRAGTPGFRAPEVLTKCPNQTT
AIDMWSAGVIFLSLLSGRYPFYKASDDLTALAQIMTIRGSRETIQAAKTFGKSILCSKEVPAQDLRKLCERLRGAGAGGW
NEVPDEAYDLLDKLLDLNPASRITAEEALLHPFFKDMSL
;
A
2 'polypeptide(L)'
;GPGTRTGRLKKPFVKVEDM(SEP)QLYRPFYLQLTNMPFINYSIQKPCSPFDVDKPSSMQKQTQVKLRIQTDGDKYGGTS
IQLQLKEKKKKGYCECCLQKYEDLETHLLSEQHRNFAQSNQYQVVDDIVSKLVFDFVEYEKDTPKKKR
;
B
#
# COMPACT_ATOMS: atom_id res chain seq x y z
N ALA A 3 25.40 14.86 -1.46
CA ALA A 3 26.38 14.02 -2.14
C ALA A 3 25.70 12.81 -2.78
N GLY A 4 25.17 11.91 -1.95
CA GLY A 4 24.41 10.78 -2.48
C GLY A 4 23.14 11.24 -3.17
N VAL A 5 22.46 12.23 -2.60
CA VAL A 5 21.30 12.83 -3.24
C VAL A 5 21.72 13.68 -4.43
N LYS A 6 22.85 14.39 -4.31
CA LYS A 6 23.32 15.23 -5.41
C LYS A 6 23.61 14.39 -6.65
N LYS A 7 24.20 13.21 -6.48
CA LYS A 7 24.47 12.35 -7.64
C LYS A 7 23.18 11.79 -8.22
N ASP A 8 22.22 11.41 -7.37
CA ASP A 8 20.93 10.93 -7.86
C ASP A 8 20.24 11.97 -8.72
N ILE A 9 20.29 13.23 -8.29
CA ILE A 9 19.69 14.32 -9.06
C ILE A 9 20.43 14.49 -10.38
N GLU A 10 21.76 14.41 -10.35
CA GLU A 10 22.54 14.51 -11.58
C GLU A 10 22.19 13.39 -12.55
N LYS A 11 22.05 12.16 -12.04
CA LYS A 11 21.69 11.03 -12.91
C LYS A 11 20.30 11.19 -13.50
N LEU A 12 19.37 11.78 -12.75
CA LEU A 12 18.02 11.98 -13.27
C LEU A 12 18.03 12.97 -14.43
N TYR A 13 18.74 14.09 -14.28
CA TYR A 13 18.86 15.03 -15.38
C TYR A 13 19.50 14.35 -16.59
N GLU A 14 20.47 13.47 -16.34
CA GLU A 14 21.11 12.76 -17.45
C GLU A 14 20.14 11.80 -18.13
N ALA A 15 19.30 11.11 -17.33
CA ALA A 15 18.38 10.11 -17.87
C ALA A 15 17.26 10.73 -18.67
N VAL A 16 16.78 11.91 -18.27
CA VAL A 16 15.69 12.60 -18.95
C VAL A 16 16.11 14.04 -19.18
N PRO A 17 16.86 14.31 -20.25
CA PRO A 17 17.53 15.62 -20.39
C PRO A 17 16.56 16.79 -20.49
N GLN A 18 15.34 16.56 -20.99
CA GLN A 18 14.35 17.62 -21.07
C GLN A 18 14.08 18.26 -19.70
N LEU A 19 14.28 17.51 -18.61
CA LEU A 19 14.01 18.05 -17.28
C LEU A 19 14.92 19.24 -16.95
N SER A 20 16.15 19.25 -17.48
CA SER A 20 17.12 20.30 -17.17
CA SER A 20 17.10 20.30 -17.14
C SER A 20 16.65 21.67 -17.62
N ASN A 21 15.79 21.74 -18.63
CA ASN A 21 15.35 23.03 -19.15
C ASN A 21 14.01 23.46 -18.58
N VAL A 22 13.44 22.69 -17.66
CA VAL A 22 12.15 23.00 -17.06
C VAL A 22 12.24 23.11 -15.55
N PHE A 23 12.90 22.15 -14.90
CA PHE A 23 12.84 22.00 -13.46
C PHE A 23 14.17 22.32 -12.79
N LYS A 24 14.08 22.94 -11.62
CA LYS A 24 15.18 23.04 -10.67
C LYS A 24 14.92 21.95 -9.62
N ILE A 25 15.66 20.85 -9.69
CA ILE A 25 15.41 19.72 -8.79
C ILE A 25 16.17 19.98 -7.50
N GLU A 26 15.43 20.08 -6.39
CA GLU A 26 15.95 20.56 -5.12
C GLU A 26 16.39 19.44 -4.19
N ASP A 27 15.63 18.35 -4.13
CA ASP A 27 15.89 17.35 -3.10
C ASP A 27 15.20 16.06 -3.49
N LYS A 28 15.61 14.99 -2.85
CA LYS A 28 14.99 13.68 -2.99
C LYS A 28 14.08 13.48 -1.79
N ILE A 29 12.80 13.25 -2.05
CA ILE A 29 11.79 13.16 -0.99
C ILE A 29 11.19 11.77 -0.88
N GLY A 30 11.51 10.86 -1.79
CA GLY A 30 11.01 9.51 -1.74
C GLY A 30 12.05 8.57 -2.28
N GLU A 31 12.33 7.47 -1.58
CA GLU A 31 13.26 6.47 -2.09
C GLU A 31 12.64 5.11 -1.80
N GLY A 32 11.87 4.60 -2.76
CA GLY A 32 11.25 3.30 -2.64
C GLY A 32 12.00 2.24 -3.42
N THR A 33 11.53 1.01 -3.30
CA THR A 33 12.12 -0.08 -4.05
C THR A 33 11.90 0.09 -5.55
N PHE A 34 10.77 0.69 -5.95
CA PHE A 34 10.42 0.74 -7.37
C PHE A 34 10.25 2.17 -7.88
N SER A 35 10.71 3.18 -7.14
CA SER A 35 10.62 4.55 -7.62
C SER A 35 11.49 5.45 -6.75
N SER A 36 11.76 6.64 -7.26
CA SER A 36 12.38 7.73 -6.51
C SER A 36 11.56 8.97 -6.79
N VAL A 37 11.31 9.78 -5.77
CA VAL A 37 10.52 10.99 -5.93
C VAL A 37 11.36 12.18 -5.52
N TYR A 38 11.28 13.25 -6.31
CA TYR A 38 12.10 14.44 -6.11
C TYR A 38 11.21 15.66 -6.00
N LEU A 39 11.67 16.62 -5.21
CA LEU A 39 11.02 17.92 -5.10
C LEU A 39 11.71 18.89 -6.05
N ALA A 40 10.92 19.56 -6.88
CA ALA A 40 11.47 20.49 -7.86
C ALA A 40 10.64 21.77 -7.90
N THR A 41 11.25 22.82 -8.43
CA THR A 41 10.57 24.08 -8.67
CA THR A 41 10.60 24.09 -8.67
C THR A 41 10.45 24.28 -10.17
N ALA A 42 9.28 24.74 -10.59
CA ALA A 42 9.03 25.04 -11.99
C ALA A 42 8.31 26.38 -12.09
N GLN A 43 8.37 26.97 -13.28
CA GLN A 43 7.64 28.18 -13.59
C GLN A 43 6.43 27.83 -14.44
N LEU A 44 5.25 28.33 -14.08
CA LEU A 44 4.07 28.15 -14.90
C LEU A 44 4.01 29.24 -15.96
N GLN A 45 3.57 28.86 -17.16
CA GLN A 45 3.42 29.85 -18.23
C GLN A 45 2.46 30.97 -17.83
N VAL A 46 1.31 30.60 -17.26
CA VAL A 46 0.31 31.63 -16.94
C VAL A 46 -0.07 31.56 -15.47
N GLY A 47 0.89 31.25 -14.61
CA GLY A 47 0.68 31.26 -13.19
C GLY A 47 1.97 31.55 -12.44
N PRO A 48 1.95 31.40 -11.13
CA PRO A 48 3.15 31.66 -10.34
C PRO A 48 4.11 30.48 -10.45
N GLU A 49 5.26 30.64 -9.79
CA GLU A 49 6.17 29.52 -9.59
C GLU A 49 5.51 28.44 -8.73
N GLU A 50 5.83 27.18 -9.00
CA GLU A 50 5.15 26.06 -8.35
C GLU A 50 6.14 24.99 -7.90
N LYS A 51 5.87 24.39 -6.75
CA LYS A 51 6.60 23.21 -6.34
C LYS A 51 5.96 21.96 -6.96
N ILE A 52 6.81 21.06 -7.44
CA ILE A 52 6.41 19.91 -8.24
C ILE A 52 7.07 18.67 -7.67
N ALA A 53 6.32 17.59 -7.56
CA ALA A 53 6.91 16.30 -7.21
C ALA A 53 7.15 15.51 -8.49
N LEU A 54 8.38 15.05 -8.68
CA LEU A 54 8.76 14.28 -9.86
C LEU A 54 8.95 12.83 -9.44
N LYS A 55 8.08 11.93 -9.92
CA LYS A 55 8.19 10.51 -9.59
C LYS A 55 8.85 9.79 -10.76
N HIS A 56 10.07 9.31 -10.53
CA HIS A 56 10.85 8.56 -11.50
C HIS A 56 10.59 7.07 -11.27
N LEU A 57 9.95 6.41 -12.23
CA LEU A 57 9.62 5.00 -12.07
C LEU A 57 10.83 4.11 -12.37
N ILE A 58 10.95 3.01 -11.64
CA ILE A 58 12.09 2.12 -11.93
C ILE A 58 12.01 1.64 -13.38
N PRO A 59 13.09 1.74 -14.16
CA PRO A 59 12.99 1.46 -15.60
C PRO A 59 12.85 -0.02 -15.92
N THR A 60 12.79 -0.91 -14.92
CA THR A 60 12.44 -2.31 -15.14
C THR A 60 10.95 -2.56 -15.13
N SER A 61 10.14 -1.52 -14.87
CA SER A 61 8.68 -1.65 -14.88
C SER A 61 8.20 -1.79 -16.32
N HIS A 62 7.20 -2.66 -16.52
CA HIS A 62 6.64 -2.81 -17.86
C HIS A 62 5.88 -1.54 -18.25
N PRO A 63 5.93 -1.14 -19.52
CA PRO A 63 5.20 0.07 -19.95
C PRO A 63 3.73 0.06 -19.58
N ILE A 64 3.08 -1.10 -19.61
CA ILE A 64 1.67 -1.15 -19.26
C ILE A 64 1.46 -0.80 -17.80
N ARG A 65 2.35 -1.24 -16.91
CA ARG A 65 2.24 -0.91 -15.49
CA ARG A 65 2.21 -0.90 -15.50
C ARG A 65 2.52 0.58 -15.26
N ILE A 66 3.49 1.12 -15.99
CA ILE A 66 3.76 2.56 -15.94
C ILE A 66 2.54 3.35 -16.37
N ALA A 67 1.97 2.98 -17.52
CA ALA A 67 0.83 3.71 -18.06
C ALA A 67 -0.42 3.54 -17.18
N ALA A 68 -0.62 2.35 -16.61
CA ALA A 68 -1.77 2.17 -15.72
C ALA A 68 -1.69 3.09 -14.50
N GLU A 69 -0.51 3.22 -13.90
CA GLU A 69 -0.37 4.18 -12.79
C GLU A 69 -0.67 5.59 -13.26
N LEU A 70 -0.09 6.00 -14.39
CA LEU A 70 -0.36 7.33 -14.92
C LEU A 70 -1.85 7.51 -15.20
N GLN A 71 -2.50 6.48 -15.75
CA GLN A 71 -3.91 6.60 -16.10
C GLN A 71 -4.83 6.71 -14.88
N CYS A 72 -4.48 6.06 -13.77
CA CYS A 72 -5.23 6.30 -12.53
C CYS A 72 -5.19 7.78 -12.18
N LEU A 73 -4.01 8.40 -12.25
CA LEU A 73 -3.87 9.81 -11.91
C LEU A 73 -4.62 10.70 -12.90
N THR A 74 -4.56 10.39 -14.20
CA THR A 74 -5.19 11.26 -15.19
C THR A 74 -6.72 11.13 -15.17
N VAL A 75 -7.24 9.92 -14.97
CA VAL A 75 -8.67 9.67 -15.06
C VAL A 75 -9.38 9.90 -13.72
N ALA A 76 -8.88 9.30 -12.64
CA ALA A 76 -9.53 9.42 -11.33
C ALA A 76 -8.98 10.57 -10.50
N GLY A 77 -7.80 11.09 -10.82
CA GLY A 77 -7.15 12.06 -9.97
C GLY A 77 -7.61 13.49 -10.23
N GLY A 78 -7.17 14.38 -9.35
CA GLY A 78 -7.47 15.79 -9.49
C GLY A 78 -8.72 16.25 -8.77
N GLN A 79 -9.47 15.34 -8.16
CA GLN A 79 -10.70 15.67 -7.44
C GLN A 79 -10.82 14.77 -6.22
N ASP A 80 -11.64 15.21 -5.27
CA ASP A 80 -11.99 14.40 -4.09
C ASP A 80 -10.76 13.84 -3.39
N ASN A 81 -9.73 14.66 -3.23
CA ASN A 81 -8.52 14.32 -2.47
C ASN A 81 -7.70 13.21 -3.12
N VAL A 82 -7.87 13.00 -4.42
CA VAL A 82 -7.03 12.07 -5.17
C VAL A 82 -6.02 12.90 -5.96
N MET A 83 -4.74 12.57 -5.83
CA MET A 83 -3.71 13.32 -6.54
C MET A 83 -3.93 13.23 -8.05
N GLY A 84 -3.69 14.35 -8.75
CA GLY A 84 -3.68 14.38 -10.18
C GLY A 84 -2.27 14.55 -10.73
N VAL A 85 -2.19 14.74 -12.05
CA VAL A 85 -0.89 14.82 -12.71
C VAL A 85 -0.89 16.03 -13.63
N LYS A 86 0.24 16.73 -13.66
CA LYS A 86 0.38 17.85 -14.59
C LYS A 86 0.96 17.41 -15.93
N TYR A 87 2.03 16.63 -15.91
CA TYR A 87 2.65 16.19 -17.15
C TYR A 87 3.45 14.94 -16.87
N CYS A 88 3.93 14.31 -17.93
CA CYS A 88 4.74 13.11 -17.83
C CYS A 88 5.83 13.21 -18.89
N PHE A 89 7.08 13.03 -18.46
CA PHE A 89 8.25 13.12 -19.31
C PHE A 89 8.85 11.74 -19.50
N ARG A 90 9.16 11.37 -20.74
CA ARG A 90 9.77 10.07 -20.98
C ARG A 90 10.98 10.22 -21.88
N LYS A 91 12.02 9.47 -21.57
CA LYS A 91 13.13 9.22 -22.50
C LYS A 91 13.43 7.74 -22.41
N ASN A 92 13.13 7.00 -23.47
CA ASN A 92 13.33 5.54 -23.52
C ASN A 92 12.61 4.92 -22.32
N ASP A 93 13.31 4.20 -21.44
CA ASP A 93 12.70 3.47 -20.34
C ASP A 93 12.58 4.31 -19.08
N HIS A 94 12.87 5.60 -19.15
CA HIS A 94 12.83 6.51 -18.01
C HIS A 94 11.57 7.37 -18.11
N VAL A 95 10.62 7.13 -17.21
CA VAL A 95 9.36 7.87 -17.18
C VAL A 95 9.30 8.64 -15.86
N VAL A 96 9.00 9.92 -15.95
CA VAL A 96 8.94 10.81 -14.79
C VAL A 96 7.57 11.46 -14.76
N ILE A 97 6.78 11.15 -13.71
CA ILE A 97 5.45 11.75 -13.54
C ILE A 97 5.60 13.05 -12.76
N ALA A 98 5.07 14.15 -13.30
CA ALA A 98 5.12 15.46 -12.64
C ALA A 98 3.75 15.77 -12.03
N MET A 99 3.70 15.85 -10.71
CA MET A 99 2.51 16.15 -9.94
C MET A 99 2.69 17.46 -9.18
N PRO A 100 1.59 18.14 -8.85
CA PRO A 100 1.72 19.23 -7.87
C PRO A 100 2.22 18.69 -6.55
N TYR A 101 3.16 19.41 -5.94
CA TYR A 101 3.74 18.98 -4.67
C TYR A 101 2.84 19.43 -3.53
N LEU A 102 2.42 18.49 -2.69
CA LEU A 102 1.66 18.85 -1.50
C LEU A 102 2.58 18.69 -0.29
N GLU A 103 3.01 19.82 0.29
CA GLU A 103 3.79 19.74 1.51
C GLU A 103 2.94 19.08 2.59
N HIS A 104 3.54 18.16 3.35
CA HIS A 104 2.72 17.35 4.24
C HIS A 104 3.46 17.00 5.52
N GLU A 105 2.69 16.56 6.53
CA GLU A 105 3.21 16.16 7.83
C GLU A 105 3.59 14.70 7.82
N SER A 106 4.63 14.36 8.58
CA SER A 106 4.91 12.95 8.82
C SER A 106 3.89 12.44 9.82
N PHE A 107 3.48 11.17 9.64
CA PHE A 107 2.43 10.64 10.50
C PHE A 107 2.83 10.65 11.98
N LEU A 108 4.13 10.47 12.29
CA LEU A 108 4.54 10.62 13.69
C LEU A 108 4.31 12.04 14.20
N ASP A 109 4.44 13.05 13.34
CA ASP A 109 4.12 14.41 13.77
C ASP A 109 2.61 14.63 13.88
N ILE A 110 1.83 14.01 12.99
CA ILE A 110 0.38 14.02 13.15
C ILE A 110 0.01 13.51 14.54
N LEU A 111 0.59 12.37 14.95
CA LEU A 111 0.23 11.80 16.25
C LEU A 111 0.67 12.68 17.40
N ASN A 112 1.70 13.50 17.19
CA ASN A 112 2.28 14.30 18.28
C ASN A 112 1.39 15.49 18.66
N SER A 113 0.61 16.02 17.71
CA SER A 113 -0.24 17.17 18.01
C SER A 113 -1.71 16.90 17.70
N LEU A 114 -2.06 15.65 17.45
CA LEU A 114 -3.42 15.24 17.08
C LEU A 114 -4.49 15.78 18.02
N SER A 115 -5.56 16.34 17.44
CA SER A 115 -6.79 16.61 18.18
C SER A 115 -7.90 15.70 17.67
N PHE A 116 -8.95 15.54 18.48
CA PHE A 116 -10.05 14.68 18.07
C PHE A 116 -10.72 15.17 16.78
N GLN A 117 -10.95 16.48 16.66
CA GLN A 117 -11.57 16.97 15.43
C GLN A 117 -10.65 16.75 14.23
N GLU A 118 -9.34 16.86 14.43
N GLU A 118 -9.34 16.87 14.43
CA GLU A 118 -8.39 16.56 13.37
CA GLU A 118 -8.41 16.57 13.33
C GLU A 118 -8.47 15.10 12.92
C GLU A 118 -8.51 15.11 12.91
N VAL A 119 -8.70 14.19 13.88
CA VAL A 119 -8.91 12.78 13.53
C VAL A 119 -10.16 12.62 12.68
N ARG A 120 -11.26 13.27 13.09
CA ARG A 120 -12.48 13.17 12.29
C ARG A 120 -12.26 13.69 10.88
N GLU A 121 -11.59 14.84 10.75
CA GLU A 121 -11.40 15.42 9.41
C GLU A 121 -10.49 14.56 8.56
N TYR A 122 -9.43 14.02 9.18
CA TYR A 122 -8.50 13.18 8.43
C TYR A 122 -9.21 11.96 7.87
N MET A 123 -9.99 11.27 8.71
CA MET A 123 -10.67 10.06 8.26
C MET A 123 -11.75 10.38 7.24
N LEU A 124 -12.50 11.47 7.45
CA LEU A 124 -13.51 11.88 6.48
C LEU A 124 -12.89 12.09 5.11
N ASN A 125 -11.75 12.78 5.06
CA ASN A 125 -11.16 13.08 3.77
C ASN A 125 -10.48 11.85 3.16
N LEU A 126 -9.99 10.93 4.00
CA LEU A 126 -9.51 9.67 3.45
C LEU A 126 -10.65 8.91 2.78
N PHE A 127 -11.82 8.86 3.43
CA PHE A 127 -12.94 8.14 2.82
C PHE A 127 -13.45 8.80 1.55
N LYS A 128 -13.35 10.13 1.44
CA LYS A 128 -13.73 10.78 0.19
C LYS A 128 -12.84 10.30 -0.95
N ALA A 129 -11.53 10.21 -0.70
CA ALA A 129 -10.61 9.73 -1.74
C ALA A 129 -10.87 8.27 -2.08
N LEU A 130 -11.10 7.43 -1.06
CA LEU A 130 -11.35 6.02 -1.34
C LEU A 130 -12.68 5.85 -2.07
N LYS A 131 -13.70 6.63 -1.70
CA LYS A 131 -14.96 6.56 -2.44
C LYS A 131 -14.76 6.85 -3.91
N ARG A 132 -13.92 7.85 -4.23
CA ARG A 132 -13.73 8.19 -5.62
C ARG A 132 -12.96 7.10 -6.37
N ILE A 133 -11.86 6.62 -5.81
CA ILE A 133 -11.12 5.62 -6.59
C ILE A 133 -11.92 4.33 -6.69
N HIS A 134 -12.72 4.00 -5.67
CA HIS A 134 -13.52 2.78 -5.77
C HIS A 134 -14.64 2.93 -6.78
N GLN A 135 -15.15 4.15 -6.96
CA GLN A 135 -16.13 4.41 -8.01
C GLN A 135 -15.57 4.14 -9.39
N PHE A 136 -14.26 4.33 -9.59
CA PHE A 136 -13.61 4.02 -10.86
C PHE A 136 -13.14 2.58 -10.95
N GLY A 137 -13.44 1.75 -9.96
CA GLY A 137 -12.99 0.36 -10.01
C GLY A 137 -11.51 0.19 -9.82
N ILE A 138 -10.89 1.00 -8.97
CA ILE A 138 -9.48 0.91 -8.62
C ILE A 138 -9.36 0.34 -7.22
N VAL A 139 -8.61 -0.74 -7.07
CA VAL A 139 -8.15 -1.20 -5.76
C VAL A 139 -6.74 -0.66 -5.56
N HIS A 140 -6.58 0.22 -4.58
CA HIS A 140 -5.28 0.88 -4.39
C HIS A 140 -4.20 -0.11 -3.97
N ARG A 141 -4.52 -1.00 -3.03
CA ARG A 141 -3.68 -2.09 -2.50
C ARG A 141 -2.55 -1.62 -1.59
N ASP A 142 -2.35 -0.31 -1.43
CA ASP A 142 -1.23 0.16 -0.61
C ASP A 142 -1.66 1.38 0.21
N VAL A 143 -2.87 1.36 0.77
CA VAL A 143 -3.30 2.47 1.61
C VAL A 143 -2.53 2.42 2.94
N LYS A 144 -1.89 3.53 3.29
CA LYS A 144 -1.12 3.71 4.50
C LYS A 144 -0.77 5.19 4.60
N PRO A 145 -0.29 5.68 5.75
CA PRO A 145 -0.07 7.15 5.87
C PRO A 145 0.90 7.72 4.85
N SER A 146 1.96 6.99 4.49
CA SER A 146 2.89 7.61 3.55
C SER A 146 2.31 7.75 2.15
N ASN A 147 1.18 7.12 1.86
CA ASN A 147 0.51 7.30 0.58
C ASN A 147 -0.73 8.17 0.70
N PHE A 148 -0.95 8.81 1.85
CA PHE A 148 -2.07 9.73 2.03
C PHE A 148 -1.50 11.01 2.61
N LEU A 149 -1.29 12.01 1.75
CA LEU A 149 -0.62 13.23 2.17
C LEU A 149 -1.60 14.18 2.85
N TYR A 150 -1.17 14.76 3.98
CA TYR A 150 -2.01 15.64 4.80
C TYR A 150 -1.23 16.92 5.08
N ASN A 151 -1.81 18.05 4.67
CA ASN A 151 -1.25 19.37 5.00
C ASN A 151 -2.15 19.97 6.07
N ARG A 152 -1.61 20.10 7.28
CA ARG A 152 -2.38 20.55 8.44
CA ARG A 152 -2.40 20.54 8.43
C ARG A 152 -2.76 22.02 8.32
N ARG A 153 -1.83 22.85 7.84
CA ARG A 153 -2.09 24.28 7.73
C ARG A 153 -3.18 24.57 6.71
N LEU A 154 -3.14 23.91 5.56
CA LEU A 154 -4.11 24.12 4.49
C LEU A 154 -5.36 23.26 4.64
N LYS A 155 -5.35 22.25 5.50
CA LYS A 155 -6.40 21.25 5.55
C LYS A 155 -6.62 20.65 4.16
N LYS A 156 -5.52 20.20 3.56
CA LYS A 156 -5.53 19.65 2.22
C LYS A 156 -4.98 18.23 2.27
N TYR A 157 -5.55 17.36 1.43
CA TYR A 157 -5.30 15.92 1.48
C TYR A 157 -5.12 15.38 0.07
N ALA A 158 -4.28 14.35 -0.07
CA ALA A 158 -4.11 13.74 -1.39
C ALA A 158 -3.68 12.29 -1.25
N LEU A 159 -4.55 11.38 -1.71
CA LEU A 159 -4.16 9.99 -1.90
C LEU A 159 -3.24 9.88 -3.12
N VAL A 160 -2.03 9.35 -2.92
CA VAL A 160 -1.03 9.22 -3.99
C VAL A 160 -0.70 7.75 -4.19
N ASP A 161 0.09 7.49 -5.23
CA ASP A 161 0.81 6.22 -5.42
C ASP A 161 -0.08 5.07 -5.88
N PHE A 162 -0.31 5.00 -7.20
CA PHE A 162 -1.11 3.93 -7.78
C PHE A 162 -0.27 2.85 -8.42
N GLY A 163 1.00 2.74 -8.03
CA GLY A 163 1.92 1.78 -8.63
C GLY A 163 1.59 0.33 -8.37
N LEU A 164 0.85 0.03 -7.31
CA LEU A 164 0.41 -1.33 -7.03
C LEU A 164 -1.08 -1.55 -7.29
N ALA A 165 -1.78 -0.54 -7.79
CA ALA A 165 -3.22 -0.64 -7.95
C ALA A 165 -3.61 -1.75 -8.94
N GLN A 166 -4.75 -2.37 -8.67
CA GLN A 166 -5.37 -3.33 -9.59
C GLN A 166 -6.79 -2.85 -9.90
N GLY A 167 -7.33 -3.34 -11.01
CA GLY A 167 -8.71 -3.02 -11.35
C GLY A 167 -9.69 -4.05 -10.82
N THR A 168 -10.91 -3.59 -10.52
CA THR A 168 -12.03 -4.51 -10.35
C THR A 168 -12.43 -5.08 -11.71
N HIS A 169 -13.38 -6.03 -11.69
CA HIS A 169 -13.84 -6.64 -12.94
C HIS A 169 -14.39 -5.59 -13.90
N ASP A 170 -15.15 -4.62 -13.39
CA ASP A 170 -15.73 -3.56 -14.20
C ASP A 170 -14.99 -2.24 -14.04
N THR A 171 -13.66 -2.30 -13.97
CA THR A 171 -12.88 -1.09 -13.75
C THR A 171 -13.08 -0.10 -14.89
N LYS A 172 -13.05 1.19 -14.55
CA LYS A 172 -13.11 2.26 -15.53
C LYS A 172 -11.73 2.76 -15.95
N ILE A 173 -10.65 2.17 -15.44
CA ILE A 173 -9.29 2.48 -15.87
C ILE A 173 -8.89 1.37 -16.83
N GLU A 174 -8.90 1.68 -18.14
CA GLU A 174 -8.76 0.63 -19.15
C GLU A 174 -7.49 -0.19 -18.96
N LEU A 175 -6.37 0.46 -18.67
CA LEU A 175 -5.10 -0.24 -18.60
C LEU A 175 -5.01 -1.17 -17.40
N LEU A 176 -5.83 -0.97 -16.37
CA LEU A 176 -5.83 -1.90 -15.24
C LEU A 176 -6.31 -3.29 -15.67
N LYS A 177 -7.11 -3.38 -16.74
CA LYS A 177 -7.48 -4.69 -17.26
C LYS A 177 -6.27 -5.47 -17.76
N PHE A 178 -5.21 -4.76 -18.18
CA PHE A 178 -4.06 -5.38 -18.85
C PHE A 178 -2.90 -5.64 -17.92
N VAL A 179 -3.04 -5.35 -16.63
CA VAL A 179 -1.97 -5.54 -15.67
C VAL A 179 -2.08 -6.93 -15.05
N PRO A 193 3.85 -31.65 -10.22
CA PRO A 193 2.66 -32.30 -10.79
C PRO A 193 1.36 -31.79 -10.17
N ALA A 194 0.29 -32.57 -10.31
CA ALA A 194 -1.02 -32.17 -9.82
C ALA A 194 -1.05 -32.14 -8.30
N SER A 195 -1.85 -31.22 -7.76
CA SER A 195 -1.96 -31.06 -6.32
C SER A 195 -2.96 -32.06 -5.75
N LEU A 196 -2.55 -32.77 -4.70
CA LEU A 196 -3.33 -33.86 -4.12
C LEU A 196 -3.77 -33.51 -2.70
N THR A 197 -4.96 -34.00 -2.36
CA THR A 197 -5.47 -33.85 -1.02
C THR A 197 -4.76 -34.82 -0.07
N CYS A 198 -4.82 -34.50 1.22
CA CYS A 198 -4.26 -35.34 2.25
C CYS A 198 -5.09 -35.16 3.51
N ASP A 199 -4.79 -35.98 4.51
CA ASP A 199 -5.54 -35.97 5.76
C ASP A 199 -4.96 -34.99 6.79
N CYS A 200 -3.96 -34.20 6.42
CA CYS A 200 -3.47 -33.19 7.35
C CYS A 200 -4.42 -31.99 7.46
N TYR A 201 -5.44 -31.92 6.60
CA TYR A 201 -6.31 -30.77 6.55
C TYR A 201 -6.92 -30.50 7.93
N ALA A 202 -6.82 -29.25 8.36
CA ALA A 202 -7.38 -28.77 9.63
C ALA A 202 -6.75 -29.45 10.85
N THR A 203 -5.55 -30.00 10.72
CA THR A 203 -4.78 -30.57 11.82
C THR A 203 -3.43 -29.87 11.91
N ASP A 204 -2.68 -30.17 12.98
CA ASP A 204 -1.31 -29.67 13.11
C ASP A 204 -0.28 -30.52 12.37
N LYS A 205 -0.72 -31.36 11.44
CA LYS A 205 0.16 -32.30 10.77
C LYS A 205 0.72 -31.71 9.48
N VAL A 206 1.86 -32.26 9.06
CA VAL A 206 2.37 -32.12 7.70
C VAL A 206 2.66 -33.51 7.18
N CYS A 207 2.68 -33.65 5.86
CA CYS A 207 3.06 -34.91 5.24
C CYS A 207 3.70 -34.62 3.89
N SER A 208 4.26 -35.66 3.28
CA SER A 208 4.96 -35.45 2.00
C SER A 208 4.00 -35.03 0.89
N ILE A 209 2.69 -35.30 1.05
CA ILE A 209 1.72 -34.91 0.03
C ILE A 209 1.49 -33.41 0.04
N CYS A 210 1.05 -32.87 1.18
CA CYS A 210 0.75 -31.44 1.21
C CYS A 210 2.00 -30.60 1.08
N LEU A 211 3.14 -31.07 1.61
CA LEU A 211 4.37 -30.31 1.49
C LEU A 211 4.86 -30.22 0.05
N SER A 212 4.48 -31.17 -0.81
CA SER A 212 4.98 -31.20 -2.19
C SER A 212 4.13 -30.40 -3.17
N ARG A 213 3.00 -29.83 -2.75
CA ARG A 213 2.16 -29.02 -3.63
C ARG A 213 2.86 -27.72 -4.02
N ARG A 214 2.43 -27.16 -5.15
CA ARG A 214 2.97 -25.87 -5.54
C ARG A 214 2.48 -24.74 -4.64
N GLN A 215 3.16 -23.61 -4.71
CA GLN A 215 2.82 -22.44 -3.91
C GLN A 215 1.66 -21.66 -4.52
N GLN A 216 0.79 -21.13 -3.66
CA GLN A 216 -0.25 -20.24 -4.12
C GLN A 216 0.31 -18.83 -4.30
N VAL A 217 -0.12 -18.15 -5.36
CA VAL A 217 0.41 -16.84 -5.71
C VAL A 217 -0.72 -15.83 -5.77
N ALA A 218 -0.39 -14.58 -5.47
CA ALA A 218 -1.36 -13.50 -5.41
C ALA A 218 -0.68 -12.21 -5.87
N PRO A 219 -1.45 -11.19 -6.26
CA PRO A 219 -0.83 -9.93 -6.68
C PRO A 219 -0.09 -9.29 -5.52
N ARG A 220 0.96 -8.53 -5.86
CA ARG A 220 1.72 -7.83 -4.83
C ARG A 220 0.86 -6.78 -4.16
N ALA A 221 0.99 -6.66 -2.84
CA ALA A 221 0.32 -5.62 -2.07
C ALA A 221 1.39 -4.79 -1.35
N GLY A 222 0.94 -3.84 -0.56
CA GLY A 222 1.84 -2.95 0.15
C GLY A 222 2.37 -3.53 1.44
N THR A 223 2.74 -2.62 2.34
CA THR A 223 3.32 -2.95 3.63
C THR A 223 2.49 -4.02 4.35
N PRO A 224 3.12 -5.06 4.89
CA PRO A 224 2.35 -6.16 5.53
C PRO A 224 1.47 -5.72 6.68
N GLY A 225 1.90 -4.73 7.47
CA GLY A 225 1.11 -4.23 8.59
C GLY A 225 -0.18 -3.53 8.21
N PHE A 226 -0.41 -3.28 6.92
CA PHE A 226 -1.65 -2.68 6.46
C PHE A 226 -2.47 -3.63 5.58
N ARG A 227 -2.04 -4.89 5.42
CA ARG A 227 -2.75 -5.83 4.56
C ARG A 227 -3.91 -6.48 5.30
N ALA A 228 -5.06 -6.57 4.62
CA ALA A 228 -6.25 -7.24 5.16
C ALA A 228 -6.02 -8.75 5.29
N PRO A 229 -6.79 -9.41 6.16
CA PRO A 229 -6.63 -10.87 6.33
C PRO A 229 -6.76 -11.65 5.03
N GLU A 230 -7.67 -11.24 4.13
CA GLU A 230 -7.76 -11.95 2.87
C GLU A 230 -6.55 -11.72 1.97
N VAL A 231 -5.82 -10.63 2.16
CA VAL A 231 -4.55 -10.44 1.45
C VAL A 231 -3.45 -11.28 2.09
N LEU A 232 -3.37 -11.25 3.43
CA LEU A 232 -2.35 -12.02 4.13
C LEU A 232 -2.46 -13.51 3.88
N THR A 233 -3.67 -14.02 3.66
CA THR A 233 -3.86 -15.44 3.46
C THR A 233 -3.89 -15.81 1.97
N LYS A 234 -3.56 -14.87 1.08
CA LYS A 234 -3.47 -15.11 -0.37
C LYS A 234 -4.79 -15.59 -0.98
N CYS A 235 -5.87 -14.90 -0.64
CA CYS A 235 -7.15 -15.14 -1.27
CA CYS A 235 -7.13 -15.17 -1.29
C CYS A 235 -7.10 -14.64 -2.72
N PRO A 236 -7.60 -15.42 -3.68
CA PRO A 236 -7.58 -14.97 -5.08
C PRO A 236 -8.54 -13.82 -5.37
N ASN A 237 -9.61 -13.67 -4.59
CA ASN A 237 -10.57 -12.59 -4.78
C ASN A 237 -10.26 -11.52 -3.74
N GLN A 238 -9.64 -10.43 -4.18
CA GLN A 238 -9.34 -9.31 -3.30
C GLN A 238 -10.01 -8.09 -3.90
N THR A 239 -10.90 -7.48 -3.12
CA THR A 239 -11.82 -6.44 -3.58
C THR A 239 -11.39 -5.08 -3.02
N THR A 240 -12.18 -4.06 -3.33
CA THR A 240 -11.94 -2.75 -2.74
C THR A 240 -12.01 -2.79 -1.23
N ALA A 241 -12.63 -3.83 -0.66
CA ALA A 241 -12.66 -3.96 0.80
C ALA A 241 -11.26 -3.99 1.42
N ILE A 242 -10.24 -4.44 0.67
CA ILE A 242 -8.90 -4.47 1.28
C ILE A 242 -8.43 -3.06 1.60
N ASP A 243 -8.81 -2.06 0.80
CA ASP A 243 -8.44 -0.68 1.11
C ASP A 243 -9.14 -0.18 2.37
N MET A 244 -10.36 -0.64 2.61
CA MET A 244 -11.10 -0.19 3.79
C MET A 244 -10.49 -0.77 5.05
N TRP A 245 -9.99 -2.02 4.99
CA TRP A 245 -9.23 -2.56 6.11
C TRP A 245 -8.01 -1.68 6.42
N SER A 246 -7.24 -1.34 5.38
CA SER A 246 -6.06 -0.47 5.56
C SER A 246 -6.44 0.87 6.18
N ALA A 247 -7.54 1.48 5.72
CA ALA A 247 -8.04 2.70 6.36
C ALA A 247 -8.34 2.47 7.84
N GLY A 248 -8.91 1.30 8.17
CA GLY A 248 -9.15 0.96 9.56
C GLY A 248 -7.87 0.84 10.37
N VAL A 249 -6.80 0.33 9.75
CA VAL A 249 -5.52 0.28 10.46
C VAL A 249 -5.01 1.69 10.74
N ILE A 250 -5.18 2.62 9.79
CA ILE A 250 -4.79 4.02 10.05
C ILE A 250 -5.61 4.59 11.22
N PHE A 251 -6.91 4.33 11.21
CA PHE A 251 -7.78 4.80 12.28
C PHE A 251 -7.36 4.22 13.62
N LEU A 252 -6.98 2.94 13.63
CA LEU A 252 -6.53 2.30 14.87
C LEU A 252 -5.28 2.97 15.41
N SER A 253 -4.35 3.34 14.51
CA SER A 253 -3.18 4.11 14.93
C SER A 253 -3.58 5.45 15.50
N LEU A 254 -4.52 6.15 14.84
CA LEU A 254 -4.93 7.46 15.34
C LEU A 254 -5.56 7.36 16.72
N LEU A 255 -6.41 6.36 16.94
CA LEU A 255 -7.13 6.26 18.21
C LEU A 255 -6.24 5.75 19.34
N SER A 256 -5.26 4.90 19.02
CA SER A 256 -4.39 4.32 20.04
C SER A 256 -3.12 5.11 20.25
N GLY A 257 -2.77 5.98 19.31
CA GLY A 257 -1.50 6.69 19.37
C GLY A 257 -0.28 5.88 19.03
N ARG A 258 -0.44 4.66 18.51
CA ARG A 258 0.67 3.77 18.23
C ARG A 258 0.88 3.65 16.73
N TYR A 259 2.12 3.86 16.27
CA TYR A 259 2.47 3.78 14.85
C TYR A 259 3.94 3.39 14.68
N PRO A 260 4.26 2.35 13.90
CA PRO A 260 3.32 1.43 13.24
C PRO A 260 2.59 0.58 14.27
N PHE A 261 1.31 0.31 14.05
CA PHE A 261 0.59 -0.49 15.02
C PHE A 261 0.97 -1.96 14.89
N TYR A 262 0.79 -2.51 13.70
CA TYR A 262 1.26 -3.87 13.43
C TYR A 262 2.69 -3.80 12.91
N LYS A 263 3.62 -4.37 13.65
CA LYS A 263 5.03 -4.35 13.31
C LYS A 263 5.42 -5.76 12.85
N ALA A 264 5.34 -5.98 11.54
CA ALA A 264 5.65 -7.29 10.98
C ALA A 264 6.24 -7.11 9.59
N SER A 265 7.25 -7.92 9.28
CA SER A 265 7.81 -7.91 7.94
C SER A 265 7.33 -9.07 7.07
N ASP A 266 6.56 -10.00 7.63
CA ASP A 266 6.01 -11.11 6.87
C ASP A 266 4.52 -11.24 7.14
N ASP A 267 3.83 -11.91 6.20
CA ASP A 267 2.37 -11.94 6.21
C ASP A 267 1.81 -12.65 7.43
N LEU A 268 2.36 -13.82 7.76
CA LEU A 268 1.72 -14.59 8.83
C LEU A 268 2.00 -13.98 10.20
N THR A 269 3.13 -13.31 10.38
CA THR A 269 3.32 -12.58 11.64
C THR A 269 2.28 -11.49 11.80
N ALA A 270 2.02 -10.74 10.72
CA ALA A 270 0.96 -9.74 10.75
C ALA A 270 -0.38 -10.37 11.07
N LEU A 271 -0.67 -11.54 10.49
CA LEU A 271 -1.94 -12.19 10.75
C LEU A 271 -2.05 -12.59 12.21
N ALA A 272 -0.96 -13.08 12.80
CA ALA A 272 -0.99 -13.45 14.21
C ALA A 272 -1.23 -12.23 15.10
N GLN A 273 -0.61 -11.10 14.76
CA GLN A 273 -0.88 -9.86 15.48
C GLN A 273 -2.34 -9.45 15.33
N ILE A 274 -2.89 -9.53 14.10
CA ILE A 274 -4.30 -9.20 13.91
C ILE A 274 -5.18 -10.10 14.79
N MET A 275 -4.86 -11.39 14.86
CA MET A 275 -5.67 -12.28 15.69
C MET A 275 -5.59 -11.92 17.17
N THR A 276 -4.47 -11.37 17.63
CA THR A 276 -4.42 -10.94 19.03
CA THR A 276 -4.41 -10.93 19.02
C THR A 276 -5.28 -9.70 19.27
N ILE A 277 -5.60 -8.93 18.22
CA ILE A 277 -6.48 -7.77 18.35
C ILE A 277 -7.95 -8.15 18.13
N ARG A 278 -8.24 -8.87 17.05
CA ARG A 278 -9.61 -9.14 16.63
C ARG A 278 -10.11 -10.51 17.05
N GLY A 279 -9.25 -11.36 17.59
CA GLY A 279 -9.63 -12.67 18.11
C GLY A 279 -9.25 -13.80 17.18
N SER A 280 -8.65 -14.88 17.72
CA SER A 280 -8.28 -15.98 16.83
C SER A 280 -9.52 -16.72 16.31
N ARG A 281 -10.49 -17.01 17.19
CA ARG A 281 -11.67 -17.74 16.73
C ARG A 281 -12.44 -16.93 15.70
N GLU A 282 -12.53 -15.62 15.89
CA GLU A 282 -13.25 -14.75 14.96
C GLU A 282 -12.56 -14.74 13.59
N THR A 283 -11.23 -14.69 13.58
CA THR A 283 -10.49 -14.67 12.32
C THR A 283 -10.64 -16.00 11.59
N ILE A 284 -10.59 -17.10 12.34
CA ILE A 284 -10.76 -18.42 11.76
C ILE A 284 -12.15 -18.56 11.14
N GLN A 285 -13.19 -18.10 11.85
CA GLN A 285 -14.53 -18.21 11.28
C GLN A 285 -14.70 -17.34 10.04
N ALA A 286 -14.16 -16.12 10.07
CA ALA A 286 -14.26 -15.25 8.90
C ALA A 286 -13.52 -15.84 7.71
N ALA A 287 -12.33 -16.42 7.93
CA ALA A 287 -11.54 -16.95 6.84
C ALA A 287 -12.25 -18.07 6.09
N LYS A 288 -13.09 -18.85 6.78
CA LYS A 288 -13.86 -19.88 6.10
C LYS A 288 -14.67 -19.31 4.95
N THR A 289 -15.18 -18.10 5.11
CA THR A 289 -16.06 -17.51 4.10
C THR A 289 -15.32 -17.11 2.84
N PHE A 290 -14.00 -16.89 2.92
CA PHE A 290 -13.22 -16.68 1.70
C PHE A 290 -12.28 -17.84 1.42
N GLY A 291 -12.64 -19.03 1.90
CA GLY A 291 -12.02 -20.25 1.44
C GLY A 291 -10.68 -20.58 2.04
N LYS A 292 -10.41 -20.14 3.27
CA LYS A 292 -9.14 -20.39 3.93
C LYS A 292 -9.38 -21.10 5.26
N SER A 293 -8.61 -22.16 5.48
CA SER A 293 -8.58 -22.85 6.76
C SER A 293 -7.41 -22.30 7.57
N ILE A 294 -7.70 -21.70 8.73
CA ILE A 294 -6.67 -21.19 9.63
C ILE A 294 -6.71 -22.01 10.91
N LEU A 295 -5.54 -22.44 11.36
CA LEU A 295 -5.39 -23.11 12.64
C LEU A 295 -4.40 -22.34 13.47
N CYS A 296 -4.72 -22.10 14.74
CA CYS A 296 -3.91 -21.26 15.62
C CYS A 296 -3.80 -22.03 16.93
N SER A 297 -2.60 -22.48 17.27
CA SER A 297 -2.43 -23.38 18.42
C SER A 297 -2.74 -22.69 19.74
N LYS A 298 -2.61 -21.37 19.80
CA LYS A 298 -2.85 -20.61 21.03
C LYS A 298 -4.04 -19.68 20.76
N GLU A 299 -5.20 -20.03 21.33
CA GLU A 299 -6.39 -19.20 21.16
C GLU A 299 -6.23 -17.88 21.90
N VAL A 300 -6.58 -16.77 21.25
CA VAL A 300 -6.53 -15.45 21.89
C VAL A 300 -7.89 -14.76 21.70
N PRO A 301 -8.40 -14.07 22.72
CA PRO A 301 -9.73 -13.46 22.62
C PRO A 301 -9.70 -12.15 21.84
N ALA A 302 -10.86 -11.82 21.28
CA ALA A 302 -11.03 -10.50 20.67
C ALA A 302 -10.96 -9.41 21.75
N GLN A 303 -10.36 -8.28 21.40
CA GLN A 303 -10.20 -7.18 22.34
C GLN A 303 -11.34 -6.20 22.17
N ASP A 304 -11.83 -5.65 23.29
CA ASP A 304 -12.70 -4.50 23.20
C ASP A 304 -11.91 -3.31 22.68
N LEU A 305 -12.40 -2.68 21.60
CA LEU A 305 -11.57 -1.67 20.93
C LEU A 305 -11.42 -0.40 21.76
N ARG A 306 -12.48 0.03 22.46
CA ARG A 306 -12.33 1.21 23.29
C ARG A 306 -11.26 1.01 24.36
N LYS A 307 -11.36 -0.10 25.10
CA LYS A 307 -10.38 -0.36 26.15
C LYS A 307 -8.98 -0.48 25.58
N LEU A 308 -8.85 -1.16 24.44
CA LEU A 308 -7.54 -1.30 23.81
C LEU A 308 -6.92 0.06 23.47
N CYS A 309 -7.68 0.93 22.80
CA CYS A 309 -7.13 2.21 22.40
C CYS A 309 -6.85 3.13 23.59
N GLU A 310 -7.77 3.14 24.58
CA GLU A 310 -7.58 4.00 25.75
C GLU A 310 -6.39 3.56 26.59
N ARG A 311 -6.21 2.25 26.77
CA ARG A 311 -5.05 1.80 27.53
C ARG A 311 -3.75 2.06 26.77
N LEU A 312 -3.77 1.93 25.44
CA LEU A 312 -2.54 2.17 24.68
C LEU A 312 -2.22 3.65 24.60
N ARG A 313 -3.23 4.50 24.57
CA ARG A 313 -2.95 5.91 24.33
C ARG A 313 -2.59 6.63 25.61
N GLY A 314 -3.04 6.16 26.75
CA GLY A 314 -2.86 6.86 28.01
C GLY A 314 -4.14 7.52 28.48
N ALA A 315 -4.21 7.76 29.79
CA ALA A 315 -5.42 8.24 30.43
C ALA A 315 -5.21 9.67 30.95
N GLY A 316 -6.30 10.25 31.43
CA GLY A 316 -6.28 11.59 31.99
C GLY A 316 -7.46 12.45 31.59
N GLY A 319 -9.22 14.63 28.08
CA GLY A 319 -7.95 13.93 28.04
C GLY A 319 -7.94 12.75 27.08
N TRP A 320 -8.94 12.71 26.19
CA TRP A 320 -9.25 11.66 25.20
C TRP A 320 -10.01 10.49 25.83
N ASN A 321 -10.43 10.60 27.09
CA ASN A 321 -11.31 9.60 27.65
C ASN A 321 -12.77 9.78 27.20
N GLU A 322 -13.09 10.88 26.53
CA GLU A 322 -14.44 11.20 26.09
C GLU A 322 -14.70 10.82 24.63
N VAL A 323 -13.90 9.93 24.05
CA VAL A 323 -14.14 9.57 22.64
C VAL A 323 -15.51 8.92 22.52
N PRO A 324 -16.35 9.31 21.56
CA PRO A 324 -17.70 8.76 21.51
C PRO A 324 -17.71 7.32 21.04
N ASP A 325 -18.76 6.60 21.47
CA ASP A 325 -18.95 5.21 21.06
C ASP A 325 -18.89 5.07 19.55
N GLU A 326 -19.35 6.10 18.82
CA GLU A 326 -19.42 6.02 17.36
C GLU A 326 -18.05 5.81 16.73
N ALA A 327 -16.98 6.34 17.36
CA ALA A 327 -15.64 6.16 16.82
C ALA A 327 -15.24 4.69 16.83
N TYR A 328 -15.44 4.01 17.96
CA TYR A 328 -15.04 2.62 18.02
C TYR A 328 -15.98 1.73 17.24
N ASP A 329 -17.24 2.14 17.09
CA ASP A 329 -18.15 1.37 16.23
C ASP A 329 -17.69 1.39 14.78
N LEU A 330 -17.29 2.57 14.30
CA LEU A 330 -16.76 2.67 12.94
C LEU A 330 -15.48 1.85 12.79
N LEU A 331 -14.61 1.91 13.81
CA LEU A 331 -13.37 1.13 13.75
C LEU A 331 -13.68 -0.37 13.66
N ASP A 332 -14.69 -0.84 14.40
CA ASP A 332 -15.09 -2.24 14.30
C ASP A 332 -15.53 -2.62 12.89
N LYS A 333 -16.24 -1.72 12.20
CA LYS A 333 -16.75 -2.02 10.85
C LYS A 333 -15.63 -1.98 9.82
N LEU A 334 -14.64 -1.10 10.01
CA LEU A 334 -13.50 -1.06 9.12
C LEU A 334 -12.63 -2.30 9.28
N LEU A 335 -12.46 -2.75 10.52
CA LEU A 335 -11.66 -3.95 10.80
C LEU A 335 -12.54 -5.19 10.86
N ASP A 336 -13.62 -5.22 10.08
CA ASP A 336 -14.42 -6.43 9.95
C ASP A 336 -13.56 -7.49 9.30
N LEU A 337 -13.40 -8.63 9.99
CA LEU A 337 -12.59 -9.71 9.43
C LEU A 337 -13.23 -10.32 8.18
N ASN A 338 -14.53 -10.12 7.99
CA ASN A 338 -15.23 -10.65 6.83
C ASN A 338 -15.24 -9.58 5.74
N PRO A 339 -14.52 -9.76 4.64
CA PRO A 339 -14.43 -8.68 3.64
C PRO A 339 -15.76 -8.34 2.98
N ALA A 340 -16.74 -9.25 3.02
CA ALA A 340 -18.04 -8.95 2.43
C ALA A 340 -18.84 -7.99 3.31
N SER A 341 -18.86 -8.21 4.62
CA SER A 341 -19.64 -7.30 5.44
C SER A 341 -18.86 -6.04 5.84
N ARG A 342 -17.55 -6.00 5.59
CA ARG A 342 -16.75 -4.83 5.89
C ARG A 342 -17.37 -3.57 5.24
N ILE A 343 -17.35 -2.46 5.99
CA ILE A 343 -17.97 -1.24 5.52
C ILE A 343 -17.29 -0.72 4.25
N THR A 344 -18.09 -0.11 3.35
CA THR A 344 -17.57 0.55 2.16
C THR A 344 -17.24 2.03 2.44
N ALA A 345 -16.43 2.62 1.55
CA ALA A 345 -16.11 4.04 1.71
C ALA A 345 -17.36 4.91 1.66
N GLU A 346 -18.30 4.60 0.76
CA GLU A 346 -19.53 5.39 0.68
C GLU A 346 -20.34 5.26 1.96
N GLU A 347 -20.39 4.05 2.53
CA GLU A 347 -21.10 3.84 3.78
C GLU A 347 -20.39 4.51 4.94
N ALA A 348 -19.05 4.49 4.94
CA ALA A 348 -18.29 5.12 6.01
C ALA A 348 -18.61 6.61 6.10
N LEU A 349 -18.77 7.25 4.94
CA LEU A 349 -19.10 8.67 4.94
C LEU A 349 -20.47 8.95 5.54
N LEU A 350 -21.35 7.97 5.56
CA LEU A 350 -22.67 8.14 6.16
C LEU A 350 -22.73 7.67 7.60
N HIS A 351 -21.61 7.28 8.18
CA HIS A 351 -21.63 6.70 9.51
C HIS A 351 -21.86 7.79 10.55
N PRO A 352 -22.59 7.48 11.62
CA PRO A 352 -22.82 8.46 12.71
C PRO A 352 -21.57 9.14 13.26
N PHE A 353 -20.40 8.52 13.16
CA PHE A 353 -19.17 9.17 13.61
C PHE A 353 -19.00 10.54 12.96
N PHE A 354 -19.49 10.72 11.73
CA PHE A 354 -19.32 11.94 10.97
C PHE A 354 -20.54 12.84 10.99
N LYS A 355 -21.37 12.73 12.02
CA LYS A 355 -22.51 13.62 12.16
C LYS A 355 -22.10 15.08 12.03
N ASP A 356 -22.76 15.80 11.13
CA ASP A 356 -22.67 17.24 10.86
C ASP A 356 -21.55 17.60 9.90
N MET A 357 -20.71 16.66 9.49
CA MET A 357 -19.60 16.97 8.58
C MET A 357 -19.95 16.71 7.12
N GLY B 1 9.26 -37.12 11.32
CA GLY B 1 9.97 -35.86 11.40
C GLY B 1 10.53 -35.46 10.06
N PRO B 2 11.63 -34.71 10.05
CA PRO B 2 12.19 -34.24 8.78
C PRO B 2 12.48 -35.37 7.80
N GLY B 3 12.92 -36.53 8.30
CA GLY B 3 13.34 -37.60 7.40
C GLY B 3 12.21 -38.13 6.54
N THR B 4 11.04 -38.33 7.13
CA THR B 4 9.86 -38.79 6.41
C THR B 4 9.01 -37.65 5.88
N ARG B 5 9.33 -36.40 6.22
CA ARG B 5 8.52 -35.24 5.88
C ARG B 5 7.11 -35.37 6.44
N THR B 6 6.99 -36.09 7.57
CA THR B 6 5.70 -36.32 8.18
C THR B 6 5.81 -36.08 9.68
N GLY B 7 4.78 -35.49 10.26
CA GLY B 7 4.77 -35.29 11.69
C GLY B 7 3.95 -34.08 12.04
N ARG B 8 4.17 -33.58 13.24
CA ARG B 8 3.37 -32.50 13.80
C ARG B 8 4.22 -31.26 14.01
N LEU B 9 3.60 -30.10 13.77
CA LEU B 9 4.27 -28.82 13.95
C LEU B 9 4.56 -28.55 15.43
N LYS B 10 5.80 -28.18 15.71
CA LYS B 10 6.14 -27.69 17.04
C LYS B 10 5.32 -26.44 17.37
N LYS B 11 4.75 -26.41 18.60
CA LYS B 11 3.90 -25.31 19.03
C LYS B 11 4.73 -24.24 19.74
N PRO B 12 4.32 -22.97 19.70
CA PRO B 12 3.10 -22.45 19.05
C PRO B 12 3.24 -22.27 17.55
N PHE B 13 2.12 -22.35 16.83
CA PHE B 13 2.16 -22.21 15.38
C PHE B 13 0.86 -21.56 14.89
N VAL B 14 0.91 -21.08 13.66
CA VAL B 14 -0.28 -20.74 12.87
C VAL B 14 -0.15 -21.47 11.55
N LYS B 15 -1.25 -22.03 11.06
CA LYS B 15 -1.22 -22.77 9.80
C LYS B 15 -2.37 -22.29 8.92
N VAL B 16 -2.06 -21.97 7.67
CA VAL B 16 -3.06 -21.46 6.73
C VAL B 16 -3.07 -22.38 5.51
N GLU B 17 -4.27 -22.83 5.13
CA GLU B 17 -4.37 -23.72 3.97
C GLU B 17 -5.59 -23.35 3.14
N ASP B 18 -5.41 -23.31 1.82
CA ASP B 18 -6.54 -23.09 0.93
CA ASP B 18 -6.55 -23.08 0.94
C ASP B 18 -7.49 -24.28 1.00
N MET B 19 -8.79 -23.99 1.07
CA MET B 19 -9.77 -25.06 1.28
C MET B 19 -9.89 -26.00 0.07
N GLN B 21 -7.37 -27.31 -1.23
CA GLN B 21 -6.22 -28.20 -1.04
C GLN B 21 -5.36 -28.33 -2.30
N LEU B 22 -5.24 -27.23 -3.03
CA LEU B 22 -4.42 -27.19 -4.24
C LEU B 22 -3.01 -26.69 -4.00
N TYR B 23 -2.73 -26.08 -2.85
CA TYR B 23 -1.47 -25.39 -2.64
C TYR B 23 -0.85 -25.83 -1.34
N ARG B 24 0.48 -25.73 -1.28
CA ARG B 24 1.19 -26.01 -0.05
C ARG B 24 0.68 -25.08 1.05
N PRO B 25 0.45 -25.58 2.26
CA PRO B 25 0.07 -24.69 3.37
C PRO B 25 1.20 -23.72 3.71
N PHE B 26 0.80 -22.60 4.33
CA PHE B 26 1.72 -21.62 4.90
C PHE B 26 1.78 -21.83 6.41
N TYR B 27 2.98 -21.75 6.98
CA TYR B 27 3.18 -21.99 8.40
C TYR B 27 3.87 -20.79 9.03
N LEU B 28 3.58 -20.57 10.31
CA LEU B 28 4.32 -19.63 11.13
C LEU B 28 4.65 -20.30 12.44
N GLN B 29 5.93 -20.32 12.79
CA GLN B 29 6.35 -20.82 14.09
C GLN B 29 7.26 -19.78 14.73
N LEU B 30 6.96 -19.41 15.97
CA LEU B 30 7.73 -18.43 16.71
C LEU B 30 7.97 -18.96 18.11
N THR B 31 9.02 -18.47 18.75
CA THR B 31 9.24 -18.82 20.15
C THR B 31 8.04 -18.45 20.98
N ASN B 32 7.59 -17.20 20.84
CA ASN B 32 6.41 -16.67 21.51
C ASN B 32 5.50 -16.07 20.45
N MET B 33 4.19 -16.28 20.61
CA MET B 33 3.23 -15.60 19.76
C MET B 33 3.10 -14.13 20.19
N PRO B 34 2.55 -13.27 19.34
CA PRO B 34 2.52 -11.84 19.68
C PRO B 34 1.75 -11.59 20.96
N PHE B 35 2.18 -10.56 21.69
CA PHE B 35 1.61 -10.19 22.99
C PHE B 35 1.43 -8.68 23.00
N ILE B 36 0.23 -8.21 23.34
CA ILE B 36 -0.03 -6.77 23.33
C ILE B 36 0.65 -6.16 24.56
N ASN B 37 1.68 -5.35 24.33
CA ASN B 37 2.44 -4.71 25.40
C ASN B 37 1.89 -3.30 25.62
N TYR B 38 1.16 -3.11 26.71
CA TYR B 38 0.63 -1.79 27.04
C TYR B 38 1.63 -0.94 27.79
N SER B 39 2.70 -1.53 28.33
CA SER B 39 3.63 -0.75 29.13
C SER B 39 4.64 0.01 28.28
N ILE B 40 4.92 -0.45 27.07
CA ILE B 40 5.87 0.25 26.21
C ILE B 40 5.27 1.58 25.81
N GLN B 41 6.08 2.63 25.83
CA GLN B 41 5.56 3.99 25.70
C GLN B 41 5.15 4.29 24.26
N LYS B 42 4.06 5.04 24.11
CA LYS B 42 3.66 5.46 22.76
C LYS B 42 4.72 6.39 22.19
N PRO B 43 4.86 6.45 20.85
CA PRO B 43 4.03 5.80 19.84
C PRO B 43 4.46 4.39 19.43
N CYS B 44 5.29 3.71 20.24
CA CYS B 44 5.81 2.41 19.85
C CYS B 44 4.69 1.41 19.62
N SER B 45 4.92 0.51 18.67
CA SER B 45 3.99 -0.59 18.45
C SER B 45 3.79 -1.40 19.73
N PRO B 46 2.56 -1.81 20.04
CA PRO B 46 2.36 -2.74 21.17
C PRO B 46 2.99 -4.11 20.92
N PHE B 47 3.43 -4.40 19.71
CA PHE B 47 4.08 -5.67 19.41
C PHE B 47 5.61 -5.57 19.37
N ASP B 48 6.15 -4.41 19.71
CA ASP B 48 7.59 -4.21 19.73
C ASP B 48 8.30 -5.12 20.74
N LYS B 86 21.21 -4.29 -6.93
CA LYS B 86 20.20 -5.03 -6.18
C LYS B 86 19.46 -6.03 -7.08
N LYS B 87 19.04 -7.13 -6.49
CA LYS B 87 18.38 -8.18 -7.24
C LYS B 87 16.95 -7.79 -7.60
N GLY B 88 16.49 -8.27 -8.74
CA GLY B 88 15.13 -7.97 -9.15
C GLY B 88 14.79 -8.69 -10.44
N TYR B 89 13.56 -8.47 -10.89
CA TYR B 89 13.05 -9.02 -12.12
C TYR B 89 12.68 -7.87 -13.04
N CYS B 90 13.19 -7.89 -14.27
CA CYS B 90 12.81 -6.90 -15.26
C CYS B 90 11.59 -7.41 -16.03
N GLU B 91 10.46 -6.72 -15.85
CA GLU B 91 9.24 -7.07 -16.56
C GLU B 91 9.34 -6.85 -18.06
N CYS B 92 10.32 -6.04 -18.50
CA CYS B 92 10.48 -5.78 -19.93
C CYS B 92 11.23 -6.91 -20.62
N CYS B 93 12.36 -7.31 -20.06
CA CYS B 93 13.20 -8.33 -20.70
C CYS B 93 12.74 -9.75 -20.38
N LEU B 94 11.80 -9.91 -19.45
CA LEU B 94 11.40 -11.22 -18.94
C LEU B 94 12.62 -11.97 -18.43
N GLN B 95 13.35 -11.31 -17.52
CA GLN B 95 14.68 -11.77 -17.13
C GLN B 95 14.96 -11.36 -15.70
N LYS B 96 15.50 -12.30 -14.92
CA LYS B 96 16.03 -11.98 -13.62
C LYS B 96 17.35 -11.24 -13.77
N TYR B 97 17.66 -10.38 -12.80
CA TYR B 97 18.94 -9.68 -12.80
C TYR B 97 19.45 -9.56 -11.36
N GLU B 98 20.78 -9.57 -11.25
CA GLU B 98 21.44 -9.50 -9.95
C GLU B 98 21.82 -8.08 -9.53
N ASP B 99 21.94 -7.16 -10.49
CA ASP B 99 22.31 -5.78 -10.19
C ASP B 99 21.59 -4.87 -11.19
N LEU B 100 20.81 -3.93 -10.67
CA LEU B 100 19.95 -3.11 -11.51
C LEU B 100 20.75 -2.31 -12.53
N GLU B 101 21.76 -1.57 -12.06
CA GLU B 101 22.52 -0.71 -12.96
C GLU B 101 23.18 -1.52 -14.07
N THR B 102 23.68 -2.71 -13.75
CA THR B 102 24.22 -3.58 -14.79
C THR B 102 23.15 -3.94 -15.80
N HIS B 103 21.97 -4.34 -15.33
CA HIS B 103 20.94 -4.79 -16.24
C HIS B 103 20.45 -3.66 -17.15
N LEU B 104 20.34 -2.45 -16.62
CA LEU B 104 19.83 -1.33 -17.42
C LEU B 104 20.72 -1.05 -18.62
N LEU B 105 22.01 -1.40 -18.53
CA LEU B 105 22.95 -1.16 -19.62
C LEU B 105 23.13 -2.36 -20.53
N SER B 106 22.46 -3.48 -20.25
CA SER B 106 22.59 -4.65 -21.10
C SER B 106 21.94 -4.42 -22.46
N GLU B 107 22.39 -5.20 -23.45
CA GLU B 107 21.92 -5.02 -24.81
C GLU B 107 20.43 -5.31 -24.93
N GLN B 108 19.94 -6.33 -24.22
CA GLN B 108 18.53 -6.68 -24.36
C GLN B 108 17.64 -5.61 -23.73
N HIS B 109 18.09 -4.99 -22.63
CA HIS B 109 17.25 -3.97 -22.00
C HIS B 109 17.25 -2.68 -22.81
N ARG B 110 18.43 -2.25 -23.27
CA ARG B 110 18.52 -1.07 -24.11
C ARG B 110 17.67 -1.24 -25.37
N ASN B 111 17.63 -2.46 -25.92
CA ASN B 111 16.80 -2.72 -27.10
C ASN B 111 15.33 -2.49 -26.78
N PHE B 112 14.87 -3.01 -25.64
CA PHE B 112 13.49 -2.77 -25.24
C PHE B 112 13.25 -1.30 -24.97
N ALA B 113 14.17 -0.67 -24.23
CA ALA B 113 13.99 0.74 -23.85
C ALA B 113 13.81 1.66 -25.05
N GLN B 114 14.45 1.34 -26.17
CA GLN B 114 14.42 2.19 -27.35
C GLN B 114 13.32 1.80 -28.33
N SER B 115 12.52 0.78 -28.00
CA SER B 115 11.49 0.24 -28.88
C SER B 115 10.23 1.10 -28.86
N ASN B 116 9.21 0.63 -29.59
CA ASN B 116 7.89 1.25 -29.61
C ASN B 116 6.98 0.77 -28.48
N GLN B 117 7.52 0.03 -27.50
CA GLN B 117 6.69 -0.58 -26.46
C GLN B 117 6.10 0.45 -25.50
N TYR B 118 6.59 1.69 -25.53
CA TYR B 118 6.11 2.74 -24.64
C TYR B 118 5.03 3.60 -25.28
N GLN B 119 4.53 3.21 -26.47
CA GLN B 119 3.46 3.98 -27.09
C GLN B 119 2.25 4.10 -26.17
N VAL B 120 1.97 3.05 -25.37
CA VAL B 120 0.84 3.10 -24.45
C VAL B 120 1.00 4.23 -23.43
N VAL B 121 2.24 4.53 -23.02
CA VAL B 121 2.48 5.68 -22.16
C VAL B 121 2.28 6.98 -22.94
N ASP B 122 2.88 7.05 -24.13
CA ASP B 122 2.84 8.30 -24.90
C ASP B 122 1.41 8.70 -25.25
N ASP B 123 0.52 7.71 -25.45
CA ASP B 123 -0.86 8.01 -25.81
C ASP B 123 -1.60 8.70 -24.66
N ILE B 124 -1.23 8.40 -23.41
CA ILE B 124 -1.79 9.15 -22.29
C ILE B 124 -1.20 10.54 -22.23
N VAL B 125 0.13 10.66 -22.41
CA VAL B 125 0.79 11.96 -22.35
C VAL B 125 0.23 12.91 -23.40
N SER B 126 -0.23 12.38 -24.55
CA SER B 126 -0.73 13.24 -25.61
C SER B 126 -1.98 14.00 -25.19
N LYS B 127 -2.71 13.50 -24.19
CA LYS B 127 -3.89 14.18 -23.66
C LYS B 127 -3.58 15.23 -22.60
N LEU B 128 -2.36 15.25 -22.06
CA LEU B 128 -1.98 16.20 -21.02
C LEU B 128 -1.47 17.50 -21.64
N VAL B 129 -1.61 18.60 -20.91
CA VAL B 129 -1.23 19.91 -21.40
C VAL B 129 0.05 20.34 -20.69
N PHE B 130 1.09 20.67 -21.45
CA PHE B 130 2.33 21.16 -20.88
C PHE B 130 2.17 22.64 -20.59
N ASP B 131 2.29 23.04 -19.32
CA ASP B 131 2.06 24.45 -19.01
C ASP B 131 3.21 25.07 -18.21
N PHE B 132 4.38 24.46 -18.26
CA PHE B 132 5.59 25.00 -17.63
C PHE B 132 6.37 25.86 -18.61
N VAL B 133 7.12 26.83 -18.07
CA VAL B 133 8.08 27.58 -18.89
C VAL B 133 9.28 26.69 -19.21
N GLU B 134 9.70 26.70 -20.48
CA GLU B 134 10.89 25.98 -20.89
C GLU B 134 11.98 26.98 -21.23
N TYR B 135 13.15 26.82 -20.63
CA TYR B 135 14.29 27.70 -20.86
C TYR B 135 15.14 27.20 -22.01
N GLU B 136 15.75 28.13 -22.73
CA GLU B 136 16.88 27.76 -23.59
C GLU B 136 18.02 27.19 -22.77
N LYS B 137 18.81 26.31 -23.37
CA LYS B 137 20.02 25.82 -22.71
C LYS B 137 20.94 26.99 -22.41
N ASP B 138 21.60 26.93 -21.24
CA ASP B 138 22.50 28.00 -20.84
C ASP B 138 23.85 27.82 -21.52
N THR B 139 24.37 28.89 -22.10
CA THR B 139 25.66 28.80 -22.75
C THR B 139 26.51 29.99 -22.34
N PRO B 140 27.83 29.80 -22.20
CA PRO B 140 28.73 30.90 -21.82
C PRO B 140 28.71 32.04 -22.84
#